data_1YVJ
#
_entry.id   1YVJ
#
_cell.length_a   46.307
_cell.length_b   54.215
_cell.length_c   118.607
_cell.angle_alpha   90.00
_cell.angle_beta   90.00
_cell.angle_gamma   90.00
#
_symmetry.space_group_name_H-M   'P 21 21 21'
#
loop_
_entity.id
_entity.type
_entity.pdbx_description
1 polymer 'Tyrosine-protein kinase JAK3'
2 non-polymer (2S,3S)-1,4-DIMERCAPTOBUTANE-2,3-DIOL
3 non-polymer 1,2,3,4-TETRAHYDROGEN-STAUROSPORINE
4 water water
#
_entity_poly.entity_id   1
_entity_poly.type   'polypeptide(L)'
_entity_poly.pdbx_seq_one_letter_code
;PTIFEERHLKYISQLGKGNFGSVELCRYDPLGDNTGALVAVKQLQHSGPDQQRDFQREIQILKALHSDFIVKYRGVSYGP
GRPELRLVMEYLPSGCLRDFLQRHRARLDASRLLLYSSQICKGMEYLGSRRCVHRDLAARNILVESEAHVKIADFGLAKL
LPLDKD(PTR)(PTR)VVREPGQSPIFWYAPESLSDNIFSRQSDVWSFGVVLYELFTYCDKSCSPSAEFLRMMGCERDVP
ALCRLLELLEEGQRLPAPPACPAEVHELMKLCWAPSPQDRPSFSALGPQLDMLWSGSR
;
_entity_poly.pdbx_strand_id   A
#
# COMPACT_ATOMS: atom_id res chain seq x y z
N PRO A 1 -0.14 -16.97 19.75
CA PRO A 1 1.05 -16.44 20.45
C PRO A 1 1.60 -15.14 19.83
N THR A 2 2.28 -14.35 20.66
CA THR A 2 2.88 -13.07 20.25
C THR A 2 4.38 -13.17 19.92
N ILE A 3 5.07 -14.05 20.64
CA ILE A 3 6.50 -14.26 20.41
C ILE A 3 6.81 -15.69 19.94
N PHE A 4 7.05 -15.78 18.63
CA PHE A 4 7.33 -17.05 17.97
C PHE A 4 8.77 -17.55 18.08
N GLU A 5 8.93 -18.76 18.58
CA GLU A 5 10.26 -19.34 18.68
C GLU A 5 10.88 -19.48 17.31
N GLU A 6 12.03 -18.85 17.11
CA GLU A 6 12.69 -18.91 15.83
C GLU A 6 12.82 -20.31 15.23
N ARG A 7 13.29 -21.24 16.04
N ARG A 7 13.30 -21.25 16.02
CA ARG A 7 13.50 -22.61 15.59
CA ARG A 7 13.51 -22.60 15.54
C ARG A 7 12.25 -23.40 15.16
C ARG A 7 12.25 -23.36 15.09
N HIS A 8 11.08 -22.87 15.48
CA HIS A 8 9.84 -23.55 15.07
C HIS A 8 9.21 -22.93 13.83
N LEU A 9 9.93 -21.96 13.25
CA LEU A 9 9.47 -21.35 12.03
C LEU A 9 10.05 -22.06 10.81
N LYS A 10 9.28 -22.97 10.23
CA LYS A 10 9.72 -23.71 9.06
C LYS A 10 9.53 -22.97 7.72
N TYR A 11 10.65 -22.56 7.13
CA TYR A 11 10.64 -21.87 5.84
C TYR A 11 9.92 -22.67 4.75
N ILE A 12 8.95 -22.04 4.09
CA ILE A 12 8.20 -22.68 3.01
C ILE A 12 8.61 -22.16 1.62
N SER A 13 8.52 -20.85 1.43
CA SER A 13 8.91 -20.23 0.18
C SER A 13 8.98 -18.71 0.23
N GLN A 14 9.36 -18.11 -0.89
CA GLN A 14 9.47 -16.67 -0.92
C GLN A 14 8.17 -15.99 -1.33
N LEU A 15 7.67 -15.07 -0.49
CA LEU A 15 6.45 -14.36 -0.85
C LEU A 15 6.77 -13.09 -1.65
N GLY A 16 7.85 -12.43 -1.25
CA GLY A 16 8.23 -11.21 -1.94
C GLY A 16 9.54 -10.65 -1.47
N LYS A 17 10.10 -9.79 -2.31
CA LYS A 17 11.37 -9.12 -2.10
C LYS A 17 11.22 -7.59 -2.23
N GLY A 18 11.97 -6.83 -1.44
CA GLY A 18 11.88 -5.39 -1.55
C GLY A 18 13.24 -4.83 -1.92
N ASN A 19 13.34 -3.52 -2.11
CA ASN A 19 14.63 -2.92 -2.41
C ASN A 19 15.64 -3.43 -1.38
N PHE A 20 15.07 -3.65 -0.20
CA PHE A 20 15.76 -4.21 0.95
C PHE A 20 14.79 -5.04 1.78
N GLY A 21 15.29 -6.03 2.52
CA GLY A 21 14.43 -6.87 3.31
C GLY A 21 13.51 -7.70 2.45
N SER A 22 12.79 -8.64 3.07
CA SER A 22 11.86 -9.47 2.31
C SER A 22 10.79 -10.13 3.17
N VAL A 23 9.90 -10.83 2.50
CA VAL A 23 8.78 -11.51 3.13
C VAL A 23 8.68 -12.93 2.65
N GLU A 24 8.65 -13.88 3.56
CA GLU A 24 8.53 -15.25 3.12
C GLU A 24 7.48 -16.02 3.86
N LEU A 25 7.00 -17.05 3.19
CA LEU A 25 6.01 -17.91 3.77
C LEU A 25 6.67 -19.00 4.62
N CYS A 26 6.26 -19.07 5.87
CA CYS A 26 6.75 -20.09 6.77
C CYS A 26 5.57 -20.73 7.45
N ARG A 27 5.84 -21.82 8.16
CA ARG A 27 4.82 -22.47 8.94
C ARG A 27 5.33 -22.66 10.37
N TYR A 28 4.61 -22.18 11.37
CA TYR A 28 5.07 -22.39 12.73
C TYR A 28 4.83 -23.84 13.14
N ASP A 29 5.87 -24.66 13.07
CA ASP A 29 5.71 -26.07 13.36
C ASP A 29 6.60 -26.66 14.47
N PRO A 30 6.25 -26.42 15.74
CA PRO A 30 7.05 -26.96 16.85
C PRO A 30 7.18 -28.50 16.78
N LEU A 31 6.14 -29.20 16.31
N LEU A 31 6.08 -29.10 16.32
CA LEU A 31 6.26 -30.67 16.23
CA LEU A 31 5.83 -30.55 16.13
C LEU A 31 6.84 -31.19 14.93
C LEU A 31 6.44 -31.21 14.86
N GLY A 32 6.78 -30.39 13.87
CA GLY A 32 7.31 -30.90 12.59
C GLY A 32 6.19 -31.71 11.95
N ASP A 33 5.12 -31.79 12.73
CA ASP A 33 3.88 -32.48 12.44
C ASP A 33 3.07 -31.88 11.28
N ASN A 34 3.39 -30.62 10.96
CA ASN A 34 2.77 -29.89 9.87
C ASN A 34 1.38 -29.30 10.14
N THR A 35 0.96 -29.33 11.39
CA THR A 35 -0.33 -28.78 11.81
C THR A 35 -0.23 -27.35 12.33
N GLY A 36 0.98 -26.79 12.25
CA GLY A 36 1.19 -25.45 12.69
C GLY A 36 0.66 -24.51 11.61
N ALA A 37 0.25 -23.32 12.03
CA ALA A 37 -0.27 -22.37 11.06
C ALA A 37 0.79 -21.73 10.20
N LEU A 38 0.38 -21.41 8.98
CA LEU A 38 1.23 -20.75 8.01
C LEU A 38 1.22 -19.23 8.25
N VAL A 39 2.38 -18.60 8.19
CA VAL A 39 2.41 -17.17 8.38
C VAL A 39 3.30 -16.44 7.42
N ALA A 40 3.16 -15.12 7.43
CA ALA A 40 3.95 -14.24 6.62
C ALA A 40 4.97 -13.54 7.50
N VAL A 41 6.22 -13.82 7.20
CA VAL A 41 7.34 -13.31 7.97
C VAL A 41 8.32 -12.45 7.21
N LYS A 42 8.37 -11.19 7.61
CA LYS A 42 9.31 -10.28 7.00
C LYS A 42 10.55 -10.12 7.83
N GLN A 43 11.68 -9.96 7.15
CA GLN A 43 12.94 -9.75 7.81
C GLN A 43 13.91 -8.90 6.99
N LEU A 44 14.76 -8.17 7.68
CA LEU A 44 15.73 -7.30 7.01
C LEU A 44 17.04 -7.97 6.65
N GLN A 45 17.56 -7.63 5.48
CA GLN A 45 18.85 -8.18 5.09
C GLN A 45 19.97 -7.28 5.42
N HIS A 46 19.61 -6.23 6.16
CA HIS A 46 20.63 -5.31 6.56
C HIS A 46 20.38 -4.71 7.89
N SER A 47 20.89 -5.52 8.81
CA SER A 47 20.86 -5.32 10.23
C SER A 47 22.00 -4.43 10.67
N GLY A 48 21.63 -3.31 11.25
CA GLY A 48 22.61 -2.34 11.72
C GLY A 48 21.81 -1.51 12.68
N PRO A 49 22.45 -0.83 13.64
CA PRO A 49 21.76 0.00 14.62
C PRO A 49 21.28 1.30 13.95
N ASP A 50 20.33 1.15 13.04
CA ASP A 50 19.78 2.29 12.32
C ASP A 50 18.50 1.95 11.56
N GLN A 51 18.60 0.92 10.75
CA GLN A 51 17.46 0.43 9.99
C GLN A 51 16.68 -0.52 10.85
N GLN A 52 17.31 -0.93 11.94
CA GLN A 52 16.65 -1.79 12.89
C GLN A 52 15.73 -0.93 13.73
N ARG A 53 16.19 0.29 14.00
CA ARG A 53 15.37 1.24 14.74
C ARG A 53 14.08 1.52 14.00
N ASP A 54 14.18 1.52 12.66
CA ASP A 54 13.02 1.71 11.79
C ASP A 54 12.09 0.48 11.81
N PHE A 55 12.72 -0.69 11.72
CA PHE A 55 12.01 -1.97 11.73
C PHE A 55 11.27 -2.19 13.06
N GLN A 56 11.93 -1.77 14.13
CA GLN A 56 11.39 -1.85 15.47
C GLN A 56 10.08 -1.07 15.57
N ARG A 57 10.14 0.14 15.02
CA ARG A 57 8.97 1.01 14.99
C ARG A 57 7.86 0.45 14.12
N GLU A 58 8.25 -0.12 12.98
CA GLU A 58 7.30 -0.72 12.06
C GLU A 58 6.50 -1.82 12.74
N ILE A 59 7.21 -2.57 13.56
CA ILE A 59 6.61 -3.67 14.29
C ILE A 59 5.62 -3.20 15.34
N GLN A 60 5.98 -2.12 16.02
CA GLN A 60 5.13 -1.55 17.07
C GLN A 60 3.86 -0.94 16.51
N ILE A 61 4.00 -0.33 15.32
CA ILE A 61 2.89 0.28 14.62
C ILE A 61 1.83 -0.76 14.23
N LEU A 62 2.26 -1.74 13.43
CA LEU A 62 1.36 -2.79 12.99
C LEU A 62 0.72 -3.51 14.16
N LYS A 63 1.47 -3.60 15.24
CA LYS A 63 0.99 -4.24 16.45
C LYS A 63 -0.14 -3.46 17.09
N ALA A 64 -0.02 -2.12 17.02
CA ALA A 64 -1.00 -1.21 17.58
C ALA A 64 -2.24 -1.03 16.69
N LEU A 65 -2.11 -1.36 15.41
CA LEU A 65 -3.22 -1.23 14.48
C LEU A 65 -4.27 -2.32 14.56
N HIS A 66 -5.51 -1.91 14.78
CA HIS A 66 -6.63 -2.82 14.88
C HIS A 66 -7.76 -2.52 13.88
N SER A 67 -7.59 -3.00 12.65
CA SER A 67 -8.57 -2.78 11.57
C SER A 67 -8.79 -3.99 10.66
N ASP A 68 -10.03 -4.19 10.23
CA ASP A 68 -10.33 -5.31 9.32
C ASP A 68 -9.70 -5.11 7.96
N PHE A 69 -9.32 -3.87 7.67
CA PHE A 69 -8.72 -3.55 6.38
C PHE A 69 -7.24 -3.27 6.43
N ILE A 70 -6.61 -3.87 7.42
CA ILE A 70 -5.18 -3.77 7.64
C ILE A 70 -4.60 -5.12 8.02
N VAL A 71 -3.64 -5.57 7.23
CA VAL A 71 -3.01 -6.85 7.48
C VAL A 71 -2.72 -7.07 8.95
N LYS A 72 -3.29 -8.15 9.49
CA LYS A 72 -3.15 -8.50 10.89
C LYS A 72 -1.77 -8.98 11.40
N TYR A 73 -1.33 -8.34 12.48
CA TYR A 73 -0.08 -8.67 13.14
C TYR A 73 -0.25 -9.90 14.07
N ARG A 74 0.71 -10.84 14.03
CA ARG A 74 0.66 -12.05 14.86
C ARG A 74 1.66 -12.09 16.02
N GLY A 75 2.88 -11.64 15.74
CA GLY A 75 3.90 -11.63 16.76
C GLY A 75 5.28 -11.34 16.21
N VAL A 76 6.28 -11.54 17.05
CA VAL A 76 7.68 -11.34 16.66
C VAL A 76 8.52 -12.55 16.95
N SER A 77 9.70 -12.57 16.35
CA SER A 77 10.61 -13.66 16.54
C SER A 77 12.06 -13.20 16.63
N TYR A 78 12.53 -12.95 17.84
CA TYR A 78 13.92 -12.57 18.03
C TYR A 78 14.77 -13.74 17.62
N GLY A 79 14.96 -13.80 16.31
CA GLY A 79 15.71 -14.83 15.62
C GLY A 79 16.96 -15.53 16.11
N PRO A 80 17.60 -16.35 15.25
CA PRO A 80 18.79 -17.22 15.26
C PRO A 80 20.13 -16.89 16.04
N GLY A 81 20.03 -16.53 17.31
CA GLY A 81 21.23 -16.08 18.04
C GLY A 81 20.91 -14.70 17.55
N ARG A 82 20.65 -13.68 18.33
CA ARG A 82 20.22 -12.55 17.56
C ARG A 82 21.14 -11.44 17.09
N PRO A 83 20.56 -10.28 16.78
CA PRO A 83 19.93 -8.98 16.42
C PRO A 83 19.09 -9.18 15.11
N GLU A 84 18.76 -10.45 14.89
CA GLU A 84 17.97 -10.96 13.75
C GLU A 84 16.48 -11.00 14.05
N LEU A 85 15.89 -9.83 14.17
CA LEU A 85 14.47 -9.68 14.45
C LEU A 85 13.58 -10.06 13.25
N ARG A 86 12.44 -10.68 13.51
CA ARG A 86 11.50 -11.04 12.43
C ARG A 86 10.04 -10.75 12.75
N LEU A 87 9.37 -10.09 11.81
CA LEU A 87 7.96 -9.74 11.93
C LEU A 87 7.03 -10.81 11.41
N VAL A 88 6.10 -11.21 12.27
CA VAL A 88 5.15 -12.24 11.93
C VAL A 88 3.74 -11.72 11.76
N MET A 89 3.23 -11.88 10.55
CA MET A 89 1.90 -11.44 10.22
C MET A 89 1.05 -12.57 9.68
N GLU A 90 -0.26 -12.31 9.60
CA GLU A 90 -1.14 -13.30 9.02
C GLU A 90 -0.77 -13.52 7.56
N TYR A 91 -1.19 -14.66 7.05
CA TYR A 91 -0.95 -14.98 5.67
C TYR A 91 -2.28 -15.05 4.92
N LEU A 92 -2.34 -14.32 3.81
CA LEU A 92 -3.52 -14.29 2.96
C LEU A 92 -3.26 -14.93 1.60
N PRO A 93 -3.56 -16.23 1.49
CA PRO A 93 -3.39 -17.07 0.31
C PRO A 93 -3.81 -16.48 -1.05
N SER A 94 -4.90 -15.74 -1.08
CA SER A 94 -5.37 -15.18 -2.34
C SER A 94 -4.43 -14.19 -3.00
N GLY A 95 -3.39 -13.81 -2.28
CA GLY A 95 -2.40 -12.90 -2.83
C GLY A 95 -2.71 -11.40 -2.86
N CYS A 96 -1.93 -10.64 -3.62
CA CYS A 96 -2.17 -9.21 -3.67
C CYS A 96 -3.18 -8.77 -4.72
N LEU A 97 -3.81 -7.65 -4.44
CA LEU A 97 -4.82 -7.13 -5.34
C LEU A 97 -4.37 -7.07 -6.78
N ARG A 98 -3.17 -6.54 -7.00
N ARG A 98 -3.17 -6.54 -7.00
CA ARG A 98 -2.62 -6.43 -8.35
CA ARG A 98 -2.61 -6.42 -8.35
C ARG A 98 -2.86 -7.66 -9.24
C ARG A 98 -2.87 -7.66 -9.22
N ASP A 99 -2.28 -8.79 -8.85
CA ASP A 99 -2.45 -10.03 -9.60
C ASP A 99 -3.91 -10.49 -9.62
N PHE A 100 -4.60 -10.31 -8.50
CA PHE A 100 -6.00 -10.69 -8.39
C PHE A 100 -6.89 -10.02 -9.44
N LEU A 101 -6.66 -8.73 -9.63
CA LEU A 101 -7.40 -7.96 -10.61
C LEU A 101 -7.16 -8.44 -12.04
N GLN A 102 -6.01 -9.06 -12.25
CA GLN A 102 -5.63 -9.58 -13.55
C GLN A 102 -6.16 -11.00 -13.78
N ARG A 103 -6.07 -11.80 -12.72
CA ARG A 103 -6.54 -13.18 -12.76
C ARG A 103 -8.07 -13.28 -12.84
N HIS A 104 -8.73 -12.23 -12.37
CA HIS A 104 -10.18 -12.17 -12.37
C HIS A 104 -10.74 -10.95 -13.09
N ARG A 105 -9.92 -10.33 -13.94
CA ARG A 105 -10.34 -9.15 -14.69
C ARG A 105 -11.78 -9.21 -15.19
N ALA A 106 -12.25 -10.42 -15.44
CA ALA A 106 -13.62 -10.62 -15.89
C ALA A 106 -14.65 -10.48 -14.75
N ARG A 107 -14.88 -11.58 -14.05
CA ARG A 107 -15.84 -11.63 -12.93
C ARG A 107 -16.01 -10.32 -12.15
N LEU A 108 -14.93 -9.54 -12.07
CA LEU A 108 -14.95 -8.29 -11.34
C LEU A 108 -15.59 -7.11 -12.09
N ASP A 109 -16.61 -6.53 -11.45
CA ASP A 109 -17.33 -5.39 -12.00
C ASP A 109 -17.22 -4.15 -11.10
N ALA A 110 -17.61 -3.00 -11.63
CA ALA A 110 -17.53 -1.72 -10.92
C ALA A 110 -17.91 -1.73 -9.42
N SER A 111 -19.06 -2.30 -9.06
CA SER A 111 -19.47 -2.35 -7.66
C SER A 111 -18.45 -3.06 -6.75
N ARG A 112 -17.87 -4.15 -7.26
CA ARG A 112 -16.85 -4.89 -6.51
C ARG A 112 -15.59 -4.04 -6.32
N LEU A 113 -15.21 -3.36 -7.39
CA LEU A 113 -14.04 -2.48 -7.34
C LEU A 113 -14.28 -1.35 -6.35
N LEU A 114 -15.53 -0.88 -6.32
CA LEU A 114 -15.90 0.17 -5.37
C LEU A 114 -15.86 -0.38 -3.96
N LEU A 115 -16.22 -1.65 -3.83
CA LEU A 115 -16.17 -2.27 -2.53
C LEU A 115 -14.73 -2.25 -2.00
N TYR A 116 -13.77 -2.64 -2.84
CA TYR A 116 -12.37 -2.63 -2.42
C TYR A 116 -11.90 -1.21 -2.14
N SER A 117 -12.40 -0.28 -2.95
CA SER A 117 -12.07 1.12 -2.76
C SER A 117 -12.55 1.58 -1.39
N SER A 118 -13.82 1.26 -1.14
CA SER A 118 -14.45 1.59 0.12
C SER A 118 -13.68 1.05 1.32
N GLN A 119 -13.30 -0.22 1.24
CA GLN A 119 -12.57 -0.87 2.33
C GLN A 119 -11.16 -0.29 2.50
N ILE A 120 -10.52 0.03 1.40
CA ILE A 120 -9.21 0.64 1.47
C ILE A 120 -9.31 2.01 2.12
N CYS A 121 -10.36 2.74 1.74
CA CYS A 121 -10.59 4.06 2.29
C CYS A 121 -10.75 4.00 3.81
N LYS A 122 -11.52 3.01 4.23
CA LYS A 122 -11.77 2.73 5.65
C LYS A 122 -10.48 2.48 6.46
N GLY A 123 -9.67 1.55 5.96
CA GLY A 123 -8.41 1.22 6.62
C GLY A 123 -7.48 2.41 6.58
N MET A 124 -7.71 3.34 5.66
CA MET A 124 -6.89 4.53 5.55
C MET A 124 -7.34 5.65 6.50
N GLU A 125 -8.66 5.75 6.66
CA GLU A 125 -9.25 6.72 7.59
C GLU A 125 -8.80 6.40 9.02
N TYR A 126 -8.79 5.11 9.32
CA TYR A 126 -8.35 4.61 10.60
C TYR A 126 -6.86 4.97 10.88
N LEU A 127 -5.98 4.64 9.93
CA LEU A 127 -4.55 4.95 10.06
C LEU A 127 -4.32 6.42 10.42
N GLY A 128 -5.10 7.25 9.75
CA GLY A 128 -5.04 8.69 9.94
C GLY A 128 -5.39 9.02 11.37
N SER A 129 -6.42 8.39 11.89
CA SER A 129 -6.76 8.65 13.27
C SER A 129 -5.60 8.27 14.22
N ARG A 130 -4.74 7.36 13.76
CA ARG A 130 -3.60 6.94 14.58
C ARG A 130 -2.36 7.80 14.34
N ARG A 131 -2.54 8.94 13.66
N ARG A 131 -2.55 8.92 13.64
CA ARG A 131 -1.44 9.84 13.36
CA ARG A 131 -1.47 9.85 13.31
C ARG A 131 -0.34 9.21 12.52
C ARG A 131 -0.33 9.20 12.53
N CYS A 132 -0.74 8.27 11.68
CA CYS A 132 0.19 7.55 10.85
C CYS A 132 0.01 7.72 9.35
N VAL A 133 1.14 7.76 8.65
CA VAL A 133 1.16 7.91 7.20
C VAL A 133 1.75 6.65 6.56
N HIS A 134 1.05 6.09 5.57
CA HIS A 134 1.52 4.88 4.91
C HIS A 134 2.68 5.11 3.94
N ARG A 135 2.60 6.22 3.21
CA ARG A 135 3.64 6.61 2.28
C ARG A 135 3.71 5.82 0.94
N ASP A 136 3.40 4.53 0.97
CA ASP A 136 3.48 3.75 -0.26
C ASP A 136 2.18 3.03 -0.67
N LEU A 137 1.06 3.73 -0.62
CA LEU A 137 -0.22 3.13 -1.02
C LEU A 137 -0.21 2.73 -2.51
N ALA A 138 -0.52 1.47 -2.80
CA ALA A 138 -0.55 0.96 -4.18
C ALA A 138 -1.26 -0.38 -4.30
N ALA A 139 -1.83 -0.70 -5.46
CA ALA A 139 -2.51 -1.99 -5.59
C ALA A 139 -1.63 -3.19 -5.25
N ARG A 140 -0.34 -3.08 -5.56
CA ARG A 140 0.62 -4.15 -5.24
C ARG A 140 0.76 -4.34 -3.72
N ASN A 141 0.28 -3.36 -2.95
CA ASN A 141 0.37 -3.42 -1.48
C ASN A 141 -0.92 -3.74 -0.75
N ILE A 142 -1.90 -4.13 -1.54
CA ILE A 142 -3.19 -4.53 -1.03
C ILE A 142 -3.34 -6.02 -1.20
N LEU A 143 -3.71 -6.68 -0.11
CA LEU A 143 -3.88 -8.11 -0.11
C LEU A 143 -5.33 -8.53 -0.06
N VAL A 144 -5.60 -9.75 -0.50
CA VAL A 144 -6.95 -10.26 -0.52
C VAL A 144 -7.25 -11.31 0.52
N GLU A 145 -8.19 -10.99 1.39
CA GLU A 145 -8.62 -11.90 2.44
C GLU A 145 -9.63 -12.92 1.90
N SER A 146 -10.58 -12.39 1.13
CA SER A 146 -11.64 -13.12 0.46
C SER A 146 -12.16 -12.31 -0.73
N GLU A 147 -13.00 -12.92 -1.56
CA GLU A 147 -13.54 -12.25 -2.74
C GLU A 147 -14.11 -10.85 -2.46
N ALA A 148 -14.67 -10.68 -1.27
CA ALA A 148 -15.24 -9.39 -0.90
C ALA A 148 -14.54 -8.73 0.29
N HIS A 149 -13.23 -8.96 0.42
CA HIS A 149 -12.49 -8.40 1.54
C HIS A 149 -10.98 -8.33 1.33
N VAL A 150 -10.48 -7.09 1.28
CA VAL A 150 -9.06 -6.83 1.10
C VAL A 150 -8.46 -6.05 2.26
N LYS A 151 -7.14 -6.09 2.37
CA LYS A 151 -6.45 -5.39 3.44
C LYS A 151 -5.19 -4.70 2.93
N ILE A 152 -4.77 -3.69 3.69
CA ILE A 152 -3.58 -2.93 3.37
C ILE A 152 -2.34 -3.55 3.98
N ALA A 153 -1.33 -3.76 3.15
CA ALA A 153 -0.11 -4.35 3.65
C ALA A 153 1.12 -3.47 3.53
N ASP A 154 2.25 -4.06 3.91
CA ASP A 154 3.55 -3.39 3.90
C ASP A 154 3.57 -2.01 4.54
N PHE A 155 4.01 -2.00 5.80
CA PHE A 155 4.13 -0.76 6.55
C PHE A 155 5.58 -0.45 6.84
N GLY A 156 6.39 -0.92 5.92
CA GLY A 156 7.82 -0.72 6.02
C GLY A 156 8.17 0.73 5.76
N LEU A 157 7.31 1.49 5.09
CA LEU A 157 7.64 2.88 4.80
C LEU A 157 6.89 3.89 5.62
N ALA A 158 5.91 3.39 6.38
CA ALA A 158 5.06 4.24 7.20
C ALA A 158 5.79 5.12 8.17
N LYS A 159 5.18 6.24 8.50
CA LYS A 159 5.78 7.16 9.46
C LYS A 159 4.81 7.69 10.47
N LEU A 160 5.25 7.78 11.72
CA LEU A 160 4.39 8.36 12.73
C LEU A 160 4.63 9.86 12.78
N LEU A 161 3.55 10.62 12.63
CA LEU A 161 3.63 12.08 12.64
C LEU A 161 4.01 12.69 14.00
N PRO A 162 5.03 13.56 14.02
CA PRO A 162 5.37 14.14 15.32
C PRO A 162 4.12 14.91 15.79
N LEU A 163 3.88 14.92 17.10
CA LEU A 163 2.70 15.55 17.68
C LEU A 163 2.39 16.98 17.26
N ASP A 164 3.44 17.73 16.98
CA ASP A 164 3.32 19.12 16.60
C ASP A 164 3.16 19.40 15.09
N LYS A 165 3.16 18.35 14.27
CA LYS A 165 3.04 18.55 12.83
C LYS A 165 2.08 17.61 12.11
N ASP A 166 1.60 18.08 10.95
CA ASP A 166 0.68 17.29 10.15
C ASP A 166 1.35 16.67 8.94
N VAL A 169 8.92 14.96 6.63
CA VAL A 169 9.87 15.01 5.54
C VAL A 169 10.79 13.77 5.60
N VAL A 170 10.67 12.94 4.56
CA VAL A 170 11.43 11.69 4.39
C VAL A 170 12.12 11.63 3.02
N ARG A 171 13.45 11.60 3.02
CA ARG A 171 14.20 11.56 1.76
C ARG A 171 14.04 10.26 1.00
N GLU A 172 13.82 9.19 1.75
CA GLU A 172 13.63 7.89 1.15
C GLU A 172 12.31 7.80 0.43
N PRO A 173 12.33 7.36 -0.84
CA PRO A 173 11.07 7.26 -1.58
C PRO A 173 10.33 5.95 -1.27
N GLY A 174 9.19 5.79 -1.93
CA GLY A 174 8.41 4.56 -1.79
C GLY A 174 8.98 3.63 -2.84
N GLN A 175 8.38 2.46 -3.03
CA GLN A 175 8.89 1.50 -4.00
C GLN A 175 8.22 1.51 -5.36
N SER A 176 7.16 2.30 -5.51
CA SER A 176 6.48 2.35 -6.79
C SER A 176 6.95 3.49 -7.67
N PRO A 177 6.72 3.39 -8.99
CA PRO A 177 7.15 4.45 -9.90
C PRO A 177 6.75 5.85 -9.38
N ILE A 178 7.53 6.86 -9.77
CA ILE A 178 7.28 8.23 -9.34
C ILE A 178 5.84 8.74 -9.59
N PHE A 179 5.12 8.04 -10.46
CA PHE A 179 3.76 8.42 -10.83
C PHE A 179 2.66 8.09 -9.84
N TRP A 180 3.07 7.57 -8.70
CA TRP A 180 2.16 7.18 -7.64
C TRP A 180 2.06 8.24 -6.52
N TYR A 181 3.05 9.11 -6.45
CA TYR A 181 3.15 10.12 -5.40
C TYR A 181 2.70 11.55 -5.65
N ALA A 182 2.40 12.21 -4.54
CA ALA A 182 1.96 13.60 -4.55
C ALA A 182 3.08 14.54 -4.95
N PRO A 183 2.72 15.66 -5.59
CA PRO A 183 3.76 16.61 -5.99
C PRO A 183 4.65 17.06 -4.82
N GLU A 184 4.04 17.45 -3.71
CA GLU A 184 4.85 17.86 -2.57
C GLU A 184 5.81 16.76 -2.07
N SER A 185 5.44 15.50 -2.29
CA SER A 185 6.28 14.37 -1.89
C SER A 185 7.50 14.22 -2.79
N LEU A 186 7.25 14.44 -4.07
CA LEU A 186 8.25 14.38 -5.12
C LEU A 186 9.23 15.58 -5.16
N SER A 187 8.72 16.78 -4.91
CA SER A 187 9.55 17.99 -4.93
C SER A 187 10.18 18.35 -3.58
N ASP A 188 9.45 18.11 -2.50
CA ASP A 188 9.96 18.47 -1.18
C ASP A 188 10.03 17.36 -0.13
N ASN A 189 9.79 16.13 -0.57
CA ASN A 189 9.81 14.96 0.31
C ASN A 189 8.87 15.10 1.51
N ILE A 190 7.72 15.71 1.24
CA ILE A 190 6.71 15.89 2.24
C ILE A 190 5.56 14.91 2.08
N PHE A 191 5.41 14.09 3.12
CA PHE A 191 4.35 13.10 3.17
C PHE A 191 3.41 13.34 4.32
N SER A 192 2.15 13.04 4.10
CA SER A 192 1.14 13.24 5.13
C SER A 192 -0.12 12.45 4.82
N ARG A 193 -1.14 12.64 5.64
CA ARG A 193 -2.38 11.96 5.36
C ARG A 193 -2.95 12.42 4.00
N GLN A 194 -2.69 13.68 3.67
CA GLN A 194 -3.13 14.25 2.38
C GLN A 194 -2.34 13.66 1.17
N SER A 195 -1.11 13.19 1.44
CA SER A 195 -0.32 12.56 0.38
C SER A 195 -0.78 11.12 0.19
N ASP A 196 -1.25 10.51 1.27
CA ASP A 196 -1.81 9.17 1.19
C ASP A 196 -3.06 9.19 0.30
N VAL A 197 -3.83 10.26 0.48
CA VAL A 197 -5.04 10.49 -0.31
C VAL A 197 -4.75 10.51 -1.79
N TRP A 198 -3.73 11.26 -2.18
CA TRP A 198 -3.31 11.37 -3.57
C TRP A 198 -3.04 9.99 -4.15
N SER A 199 -2.15 9.26 -3.48
CA SER A 199 -1.79 7.91 -3.89
C SER A 199 -3.02 7.00 -3.88
N PHE A 200 -4.00 7.33 -3.03
CA PHE A 200 -5.23 6.57 -3.00
C PHE A 200 -5.95 6.72 -4.35
N GLY A 201 -5.87 7.93 -4.89
CA GLY A 201 -6.46 8.22 -6.19
C GLY A 201 -5.82 7.35 -7.25
N VAL A 202 -4.51 7.13 -7.13
CA VAL A 202 -3.79 6.29 -8.09
C VAL A 202 -4.20 4.82 -7.98
N VAL A 203 -4.50 4.43 -6.74
CA VAL A 203 -4.98 3.09 -6.47
C VAL A 203 -6.33 2.90 -7.17
N LEU A 204 -7.21 3.89 -6.99
CA LEU A 204 -8.50 3.89 -7.63
C LEU A 204 -8.33 3.65 -9.14
N TYR A 205 -7.44 4.44 -9.72
CA TYR A 205 -7.10 4.31 -11.13
C TYR A 205 -6.67 2.87 -11.48
N GLU A 206 -5.78 2.32 -10.65
CA GLU A 206 -5.29 0.95 -10.83
C GLU A 206 -6.44 -0.06 -10.80
N LEU A 207 -7.33 0.11 -9.84
CA LEU A 207 -8.47 -0.79 -9.75
C LEU A 207 -9.27 -0.80 -11.04
N PHE A 208 -9.73 0.37 -11.46
CA PHE A 208 -10.53 0.42 -12.66
C PHE A 208 -9.82 0.16 -13.97
N THR A 209 -8.51 -0.07 -13.89
CA THR A 209 -7.72 -0.45 -15.06
C THR A 209 -7.24 -1.87 -14.86
N TYR A 210 -7.62 -2.42 -13.71
CA TYR A 210 -7.24 -3.77 -13.34
C TYR A 210 -5.74 -4.01 -13.36
N CYS A 211 -5.00 -2.96 -13.05
CA CYS A 211 -3.55 -3.04 -13.03
C CYS A 211 -2.92 -3.48 -14.35
N ASP A 212 -3.49 -2.99 -15.45
CA ASP A 212 -2.95 -3.32 -16.75
C ASP A 212 -1.68 -2.54 -17.02
N LYS A 213 -0.71 -3.20 -17.65
CA LYS A 213 0.54 -2.54 -17.94
C LYS A 213 0.45 -1.47 -19.01
N SER A 214 -0.35 -1.73 -20.04
CA SER A 214 -0.52 -0.78 -21.13
C SER A 214 -1.04 0.57 -20.70
N CYS A 215 -1.98 0.55 -19.76
CA CYS A 215 -2.51 1.81 -19.27
C CYS A 215 -2.24 2.08 -17.79
N SER A 216 -1.10 1.61 -17.30
CA SER A 216 -0.73 1.87 -15.92
C SER A 216 -0.28 3.31 -15.75
N PRO A 217 -0.19 3.81 -14.51
CA PRO A 217 0.24 5.19 -14.28
C PRO A 217 1.52 5.58 -15.06
N SER A 218 2.51 4.70 -15.03
CA SER A 218 3.76 4.94 -15.75
C SER A 218 3.53 5.07 -17.26
N ALA A 219 2.83 4.10 -17.82
CA ALA A 219 2.51 4.05 -19.24
C ALA A 219 1.79 5.30 -19.75
N GLU A 220 0.69 5.64 -19.08
CA GLU A 220 -0.07 6.84 -19.44
C GLU A 220 0.74 8.14 -19.30
N PHE A 221 1.43 8.26 -18.18
CA PHE A 221 2.23 9.45 -17.93
C PHE A 221 3.46 9.56 -18.85
N LEU A 222 4.22 8.48 -18.95
CA LEU A 222 5.39 8.50 -19.82
C LEU A 222 5.06 8.89 -21.25
N ARG A 223 3.94 8.35 -21.74
CA ARG A 223 3.49 8.67 -23.09
C ARG A 223 2.73 10.00 -23.14
N MET A 224 2.88 10.77 -22.08
CA MET A 224 2.22 12.06 -21.96
C MET A 224 3.22 13.19 -21.77
N MET A 225 4.36 12.81 -21.20
CA MET A 225 5.47 13.73 -20.94
C MET A 225 6.60 13.59 -21.96
N GLY A 226 6.49 12.59 -22.82
CA GLY A 226 7.48 12.37 -23.84
C GLY A 226 7.72 13.72 -24.47
N CYS A 227 8.84 14.35 -24.13
CA CYS A 227 9.03 15.68 -24.67
C CYS A 227 10.47 16.19 -24.86
N GLU A 228 10.79 17.07 -23.91
CA GLU A 228 12.01 17.80 -23.75
C GLU A 228 13.30 17.26 -24.35
N ARG A 229 13.82 16.16 -23.81
CA ARG A 229 15.09 15.66 -24.33
C ARG A 229 15.71 14.60 -23.48
N ASP A 230 16.45 15.28 -22.64
CA ASP A 230 17.28 14.82 -21.57
C ASP A 230 16.87 15.59 -20.36
N VAL A 231 15.67 15.35 -19.89
CA VAL A 231 15.25 15.98 -18.67
C VAL A 231 14.79 14.91 -17.75
N PRO A 232 15.31 14.91 -16.52
CA PRO A 232 14.90 13.89 -15.57
C PRO A 232 13.38 13.75 -15.55
N ALA A 233 12.91 12.52 -15.46
CA ALA A 233 11.48 12.26 -15.42
C ALA A 233 10.79 13.04 -14.30
N LEU A 234 11.39 12.99 -13.12
CA LEU A 234 10.83 13.70 -11.97
C LEU A 234 10.47 15.15 -12.29
N CYS A 235 11.44 15.86 -12.90
N CYS A 235 11.43 15.86 -12.88
CA CYS A 235 11.25 17.25 -13.29
CA CYS A 235 11.21 17.24 -13.25
C CYS A 235 10.15 17.47 -14.32
C CYS A 235 10.10 17.43 -14.30
N ARG A 236 10.12 16.59 -15.32
CA ARG A 236 9.10 16.70 -16.35
C ARG A 236 7.71 16.31 -15.85
N LEU A 237 7.69 15.43 -14.83
CA LEU A 237 6.43 15.00 -14.24
C LEU A 237 5.77 16.11 -13.44
N LEU A 238 6.57 16.72 -12.56
CA LEU A 238 6.11 17.83 -11.75
C LEU A 238 5.53 18.96 -12.60
N GLU A 239 6.22 19.18 -13.71
CA GLU A 239 5.85 20.20 -14.66
C GLU A 239 4.48 19.92 -15.27
N LEU A 240 4.24 18.66 -15.60
CA LEU A 240 2.96 18.23 -16.15
C LEU A 240 1.89 18.44 -15.12
N LEU A 241 2.19 17.98 -13.91
CA LEU A 241 1.28 18.13 -12.80
C LEU A 241 0.96 19.59 -12.52
N GLU A 242 1.97 20.45 -12.62
CA GLU A 242 1.74 21.87 -12.38
C GLU A 242 0.82 22.50 -13.43
N GLU A 243 0.88 21.95 -14.64
CA GLU A 243 0.06 22.44 -15.73
C GLU A 243 -1.39 21.87 -15.74
N GLY A 244 -1.72 21.14 -14.67
CA GLY A 244 -3.06 20.56 -14.55
C GLY A 244 -3.20 19.19 -15.17
N GLN A 245 -2.12 18.67 -15.72
CA GLN A 245 -2.14 17.36 -16.32
C GLN A 245 -2.31 16.25 -15.32
N ARG A 246 -3.30 15.40 -15.57
CA ARG A 246 -3.61 14.26 -14.70
C ARG A 246 -3.92 12.99 -15.51
N LEU A 247 -3.93 11.83 -14.86
CA LEU A 247 -4.25 10.60 -15.58
C LEU A 247 -5.65 10.62 -16.17
N PRO A 248 -5.85 9.95 -17.32
CA PRO A 248 -7.15 9.91 -17.99
C PRO A 248 -8.15 9.02 -17.27
N ALA A 249 -9.33 8.90 -17.86
CA ALA A 249 -10.36 8.05 -17.32
C ALA A 249 -10.22 6.64 -17.86
N PRO A 250 -9.81 5.70 -17.00
CA PRO A 250 -9.66 4.34 -17.51
C PRO A 250 -10.86 3.90 -18.32
N PRO A 251 -10.60 3.14 -19.40
CA PRO A 251 -11.63 2.63 -20.29
C PRO A 251 -12.80 2.03 -19.48
N ALA A 252 -14.02 2.34 -19.89
CA ALA A 252 -15.18 1.81 -19.19
C ALA A 252 -15.24 2.13 -17.70
N CYS A 253 -14.57 3.20 -17.30
CA CYS A 253 -14.58 3.61 -15.91
C CYS A 253 -15.73 4.57 -15.63
N PRO A 254 -16.61 4.25 -14.67
CA PRO A 254 -17.72 5.18 -14.41
C PRO A 254 -17.25 6.63 -14.19
N ALA A 255 -17.90 7.55 -14.88
CA ALA A 255 -17.57 8.97 -14.76
C ALA A 255 -17.28 9.44 -13.34
N GLU A 256 -18.25 9.19 -12.45
CA GLU A 256 -18.13 9.58 -11.06
C GLU A 256 -16.83 9.12 -10.39
N VAL A 257 -16.38 7.93 -10.75
CA VAL A 257 -15.15 7.41 -10.18
C VAL A 257 -13.94 8.26 -10.54
N HIS A 258 -13.89 8.66 -11.80
CA HIS A 258 -12.81 9.49 -12.26
C HIS A 258 -12.83 10.90 -11.68
N GLU A 259 -14.03 11.38 -11.34
CA GLU A 259 -14.15 12.69 -10.72
C GLU A 259 -13.59 12.68 -9.30
N LEU A 260 -13.89 11.62 -8.56
CA LEU A 260 -13.35 11.47 -7.21
C LEU A 260 -11.84 11.39 -7.28
N MET A 261 -11.41 10.70 -8.33
CA MET A 261 -9.99 10.54 -8.63
C MET A 261 -9.33 11.90 -8.73
N LYS A 262 -9.87 12.71 -9.64
CA LYS A 262 -9.37 14.04 -9.85
C LYS A 262 -9.38 14.88 -8.61
N LEU A 263 -10.37 14.63 -7.76
CA LEU A 263 -10.45 15.35 -6.50
C LEU A 263 -9.25 15.04 -5.60
N CYS A 264 -8.86 13.76 -5.58
CA CYS A 264 -7.72 13.30 -4.79
C CYS A 264 -6.41 13.92 -5.27
N TRP A 265 -6.42 14.36 -6.52
CA TRP A 265 -5.25 14.95 -7.12
C TRP A 265 -5.21 16.48 -7.11
N ALA A 266 -5.90 17.08 -6.15
CA ALA A 266 -5.85 18.53 -6.04
C ALA A 266 -4.41 18.97 -5.80
N PRO A 267 -3.91 19.90 -6.62
CA PRO A 267 -2.52 20.34 -6.42
C PRO A 267 -2.22 20.68 -4.97
N SER A 268 -3.17 21.32 -4.29
CA SER A 268 -2.92 21.66 -2.90
C SER A 268 -3.40 20.56 -1.95
N PRO A 269 -2.50 20.08 -1.09
CA PRO A 269 -2.90 19.03 -0.16
C PRO A 269 -4.14 19.35 0.68
N GLN A 270 -4.42 20.62 0.93
CA GLN A 270 -5.61 20.95 1.71
C GLN A 270 -6.93 20.91 0.91
N ASP A 271 -6.81 20.82 -0.40
CA ASP A 271 -7.98 20.76 -1.26
C ASP A 271 -8.45 19.34 -1.55
N ARG A 272 -7.60 18.39 -1.21
CA ARG A 272 -7.96 16.99 -1.40
C ARG A 272 -8.96 16.55 -0.34
N PRO A 273 -9.83 15.59 -0.67
CA PRO A 273 -10.78 15.18 0.35
C PRO A 273 -10.17 14.24 1.39
N SER A 274 -10.77 14.22 2.57
CA SER A 274 -10.29 13.33 3.60
C SER A 274 -10.82 11.93 3.37
N PHE A 275 -10.16 10.94 3.94
CA PHE A 275 -10.66 9.60 3.75
C PHE A 275 -12.06 9.42 4.31
N SER A 276 -12.33 10.09 5.43
CA SER A 276 -13.65 9.98 6.03
C SER A 276 -14.74 10.59 5.16
N ALA A 277 -14.37 11.56 4.34
CA ALA A 277 -15.30 12.18 3.41
C ALA A 277 -15.42 11.37 2.11
N LEU A 278 -14.34 10.66 1.79
CA LEU A 278 -14.34 9.81 0.60
C LEU A 278 -15.17 8.54 0.77
N GLY A 279 -15.01 7.93 1.95
CA GLY A 279 -15.71 6.69 2.26
C GLY A 279 -17.17 6.69 1.91
N PRO A 280 -17.98 7.51 2.58
CA PRO A 280 -19.41 7.55 2.28
C PRO A 280 -19.73 7.89 0.83
N GLN A 281 -18.82 8.58 0.15
CA GLN A 281 -19.02 8.93 -1.25
C GLN A 281 -18.95 7.70 -2.16
N LEU A 282 -18.03 6.82 -1.78
CA LEU A 282 -17.81 5.56 -2.48
C LEU A 282 -18.93 4.59 -2.15
N ASP A 283 -19.35 4.59 -0.89
CA ASP A 283 -20.44 3.74 -0.46
C ASP A 283 -21.72 4.04 -1.24
N MET A 284 -21.86 5.31 -1.60
CA MET A 284 -23.00 5.73 -2.40
C MET A 284 -22.91 5.13 -3.79
N LEU A 285 -21.77 5.35 -4.42
CA LEU A 285 -21.51 4.81 -5.75
C LEU A 285 -21.66 3.29 -5.78
N TRP A 286 -21.27 2.65 -4.68
CA TRP A 286 -21.39 1.20 -4.58
C TRP A 286 -22.84 0.77 -4.51
N SER A 287 -23.57 1.39 -3.59
CA SER A 287 -25.00 1.12 -3.43
C SER A 287 -25.80 1.63 -4.64
N GLY A 288 -25.09 2.35 -5.50
CA GLY A 288 -25.67 2.91 -6.71
C GLY A 288 -25.50 1.93 -7.87
N SER A 289 -24.59 0.99 -7.68
CA SER A 289 -24.36 -0.05 -8.67
C SER A 289 -25.12 -1.30 -8.23
N ARG A 290 -25.92 -1.09 -7.18
CA ARG A 290 -26.73 -2.12 -6.55
C ARG A 290 -25.89 -3.04 -5.63
#